data_3SG0
#
_entry.id   3SG0
#
_cell.length_a   62.494
_cell.length_b   70.301
_cell.length_c   98.265
_cell.angle_alpha   90.00
_cell.angle_beta   90.00
_cell.angle_gamma   90.00
#
_symmetry.space_group_name_H-M   'P 21 21 21'
#
loop_
_entity.id
_entity.type
_entity.pdbx_description
1 polymer 'Extracellular ligand-binding receptor'
2 non-polymer 'BENZOYL-FORMIC ACID'
3 water water
#
_entity_poly.entity_id   1
_entity_poly.type   'polypeptide(L)'
_entity_poly.pdbx_seq_one_letter_code
;SNA(MSE)QQTKTLIVALAT(MSE)LAGVTAAQAEIKIGIT(MSE)SASGPGAALGQPQSKTVAALPKEIGGEKVTYFAL
DDESDPTKAAQNARKLLSEEKVDVLIGSSLTPVSLPLIDIAAEAKTPL(MSE)T(MSE)AAAAILVAP(MSE)DERRKWV
YKVVPNDDI(MSE)AEAIGKYIAKTGAKKVGYIGFSDAYGEGYYKVLAAAAPKLGFELTTHEVYARSDASVTGQVLKIIA
TKPDAVFIASAGTPAVLPQKALRERGFKGAIYQTHGVATEEFIKLGGKDVEGAIFAGEAFSGAED(MSE)PADSPFRKVK
ARFVDAYKAANGGAAPTIFGVHLWDS(MSE)TLVENAIPAALKAAKPGTPEFRAAIRDQIEKSKDLALNNGLSN(MSE)T
PDNHNGYDERSAFLIEIRDGAFRLKQ
;
_entity_poly.pdbx_strand_id   A
#
# COMPACT_ATOMS: atom_id res chain seq x y z
N GLN A 25 27.12 -12.18 -19.84
CA GLN A 25 25.69 -12.35 -19.67
C GLN A 25 25.13 -11.35 -18.67
N ALA A 26 23.91 -10.87 -18.92
CA ALA A 26 23.26 -9.91 -18.02
C ALA A 26 23.02 -10.52 -16.64
N GLU A 27 23.22 -9.70 -15.61
CA GLU A 27 22.86 -10.08 -14.25
C GLU A 27 21.35 -9.90 -14.14
N ILE A 28 20.78 -10.18 -12.97
CA ILE A 28 19.37 -9.93 -12.75
C ILE A 28 19.17 -8.43 -12.56
N LYS A 29 18.15 -7.88 -13.22
CA LYS A 29 17.89 -6.43 -13.16
C LYS A 29 16.47 -6.17 -12.72
N ILE A 30 16.33 -5.30 -11.73
CA ILE A 30 15.03 -4.99 -11.16
C ILE A 30 14.81 -3.49 -11.32
N GLY A 31 13.73 -3.09 -11.98
CA GLY A 31 13.39 -1.68 -12.13
C GLY A 31 12.35 -1.28 -11.13
N ILE A 32 12.48 -0.08 -10.57
CA ILE A 32 11.53 0.41 -9.58
C ILE A 32 11.16 1.85 -9.90
N THR A 33 9.86 2.14 -9.94
CA THR A 33 9.38 3.52 -10.00
C THR A 33 8.55 3.77 -8.76
N SER A 35 6.89 7.03 -5.94
CA SER A 35 6.50 8.43 -5.80
C SER A 35 7.28 9.09 -4.67
N ALA A 36 8.56 9.33 -4.92
CA ALA A 36 9.47 9.87 -3.91
C ALA A 36 9.29 11.37 -3.70
N SER A 37 8.60 12.03 -4.61
CA SER A 37 8.23 13.43 -4.45
C SER A 37 6.77 13.56 -4.90
N GLY A 38 6.17 14.74 -4.69
CA GLY A 38 4.75 14.92 -4.93
C GLY A 38 3.96 14.49 -3.72
N PRO A 39 2.62 14.46 -3.85
CA PRO A 39 1.79 14.14 -2.68
C PRO A 39 1.91 12.69 -2.20
N GLY A 40 2.57 11.83 -2.98
CA GLY A 40 2.86 10.49 -2.55
C GLY A 40 4.16 10.32 -1.78
N ALA A 41 4.86 11.40 -1.47
CA ALA A 41 6.21 11.32 -0.92
C ALA A 41 6.33 10.50 0.37
N ALA A 42 5.34 10.57 1.25
CA ALA A 42 5.43 9.80 2.48
C ALA A 42 5.35 8.29 2.23
N LEU A 43 4.92 7.92 1.03
CA LEU A 43 4.92 6.51 0.61
C LEU A 43 6.19 6.19 -0.18
N GLY A 44 6.53 7.03 -1.15
CA GLY A 44 7.66 6.71 -2.03
C GLY A 44 9.03 6.97 -1.45
N GLN A 45 9.18 7.94 -0.56
CA GLN A 45 10.48 8.17 0.03
C GLN A 45 10.98 6.97 0.85
N PRO A 46 10.11 6.39 1.71
CA PRO A 46 10.52 5.17 2.42
C PRO A 46 10.94 4.06 1.45
N GLN A 47 10.26 3.95 0.33
CA GLN A 47 10.60 2.95 -0.68
C GLN A 47 11.97 3.25 -1.29
N SER A 48 12.22 4.51 -1.59
CA SER A 48 13.52 4.91 -2.13
CA SER A 48 13.52 4.90 -2.14
C SER A 48 14.65 4.54 -1.18
N LYS A 49 14.42 4.72 0.12
CA LYS A 49 15.43 4.42 1.13
C LYS A 49 15.60 2.93 1.38
N THR A 50 14.61 2.15 0.99
CA THR A 50 14.67 0.71 1.17
C THR A 50 15.52 0.02 0.10
N VAL A 51 15.70 0.67 -1.05
CA VAL A 51 16.45 0.06 -2.14
C VAL A 51 17.83 -0.45 -1.70
N ALA A 52 18.53 0.36 -0.91
CA ALA A 52 19.88 0.02 -0.48
C ALA A 52 19.92 -1.20 0.44
N ALA A 53 18.77 -1.58 0.98
CA ALA A 53 18.68 -2.72 1.90
C ALA A 53 18.37 -4.03 1.18
N LEU A 54 18.06 -3.95 -0.11
CA LEU A 54 17.63 -5.12 -0.86
C LEU A 54 18.81 -6.03 -1.21
N PRO A 55 18.54 -7.34 -1.37
CA PRO A 55 19.63 -8.29 -1.60
C PRO A 55 20.39 -8.04 -2.91
N LYS A 56 21.70 -8.07 -2.86
CA LYS A 56 22.51 -7.79 -4.04
CA LYS A 56 22.52 -7.78 -4.03
C LYS A 56 22.91 -9.05 -4.79
N GLU A 57 22.55 -10.20 -4.23
CA GLU A 57 22.76 -11.48 -4.90
C GLU A 57 21.60 -12.41 -4.57
N ILE A 58 21.07 -13.08 -5.58
CA ILE A 58 19.98 -14.02 -5.40
C ILE A 58 20.21 -15.21 -6.32
N GLY A 59 20.10 -16.42 -5.78
CA GLY A 59 20.28 -17.63 -6.57
C GLY A 59 21.64 -17.73 -7.21
N GLY A 60 22.63 -17.07 -6.62
CA GLY A 60 23.99 -17.09 -7.13
C GLY A 60 24.27 -16.03 -8.19
N GLU A 61 23.26 -15.22 -8.51
CA GLU A 61 23.39 -14.19 -9.52
C GLU A 61 23.39 -12.81 -8.88
N LYS A 62 24.20 -11.91 -9.43
CA LYS A 62 24.15 -10.51 -9.00
CA LYS A 62 24.17 -10.52 -9.00
C LYS A 62 22.82 -9.91 -9.38
N VAL A 63 22.34 -9.00 -8.53
CA VAL A 63 21.10 -8.28 -8.78
C VAL A 63 21.41 -6.79 -8.76
N THR A 64 20.98 -6.07 -9.78
CA THR A 64 21.14 -4.63 -9.86
C THR A 64 19.77 -3.98 -9.87
N TYR A 65 19.61 -2.92 -9.06
CA TYR A 65 18.35 -2.21 -8.95
C TYR A 65 18.47 -0.86 -9.65
N PHE A 66 17.42 -0.49 -10.37
CA PHE A 66 17.34 0.78 -11.07
C PHE A 66 16.11 1.49 -10.59
N ALA A 67 16.28 2.47 -9.71
CA ALA A 67 15.17 3.15 -9.04
C ALA A 67 14.98 4.56 -9.59
N LEU A 68 13.74 4.92 -9.89
CA LEU A 68 13.40 6.21 -10.47
C LEU A 68 12.23 6.82 -9.74
N ASP A 69 12.27 8.13 -9.54
CA ASP A 69 11.17 8.87 -8.96
C ASP A 69 10.15 9.20 -10.05
N ASP A 70 8.88 8.92 -9.81
CA ASP A 70 7.82 9.31 -10.74
C ASP A 70 7.03 10.54 -10.29
N GLU A 71 7.42 11.14 -9.17
CA GLU A 71 6.86 12.43 -8.77
C GLU A 71 5.37 12.34 -8.48
N SER A 72 4.85 11.15 -8.20
CA SER A 72 3.42 10.94 -8.01
C SER A 72 2.62 11.24 -9.28
N ASP A 73 3.26 11.12 -10.44
CA ASP A 73 2.64 11.48 -11.70
CA ASP A 73 2.69 11.50 -11.72
C ASP A 73 2.53 10.27 -12.62
N PRO A 74 1.29 9.94 -13.03
CA PRO A 74 1.12 8.75 -13.88
C PRO A 74 1.91 8.82 -15.19
N THR A 75 2.02 10.00 -15.79
CA THR A 75 2.74 10.14 -17.06
C THR A 75 4.22 9.84 -16.85
N LYS A 76 4.79 10.36 -15.78
CA LYS A 76 6.19 10.13 -15.50
C LYS A 76 6.45 8.66 -15.13
N ALA A 77 5.53 8.04 -14.40
CA ALA A 77 5.69 6.63 -14.07
C ALA A 77 5.72 5.78 -15.34
N ALA A 78 4.83 6.09 -16.28
CA ALA A 78 4.79 5.36 -17.54
C ALA A 78 6.09 5.54 -18.32
N GLN A 79 6.61 6.77 -18.33
CA GLN A 79 7.91 7.03 -18.95
C GLN A 79 9.03 6.24 -18.27
N ASN A 80 9.04 6.25 -16.93
CA ASN A 80 10.01 5.47 -16.19
C ASN A 80 9.93 4.00 -16.55
N ALA A 81 8.72 3.46 -16.56
CA ALA A 81 8.54 2.04 -16.85
C ALA A 81 9.04 1.71 -18.26
N ARG A 82 8.69 2.53 -19.24
CA ARG A 82 9.11 2.25 -20.60
C ARG A 82 10.63 2.30 -20.73
N LYS A 83 11.27 3.22 -20.01
CA LYS A 83 12.73 3.30 -20.02
CA LYS A 83 12.73 3.29 -20.03
C LYS A 83 13.34 2.04 -19.41
N LEU A 84 12.82 1.65 -18.25
CA LEU A 84 13.33 0.47 -17.55
C LEU A 84 13.12 -0.80 -18.36
N LEU A 85 11.97 -0.90 -19.03
CA LEU A 85 11.65 -2.10 -19.80
C LEU A 85 12.38 -2.14 -21.13
N SER A 86 12.36 -1.02 -21.85
CA SER A 86 12.90 -1.01 -23.22
C SER A 86 14.40 -0.78 -23.28
N GLU A 87 14.92 -0.01 -22.33
CA GLU A 87 16.35 0.32 -22.33
C GLU A 87 17.18 -0.61 -21.44
N GLU A 88 16.75 -0.78 -20.18
CA GLU A 88 17.49 -1.63 -19.25
CA GLU A 88 17.48 -1.62 -19.25
C GLU A 88 17.07 -3.10 -19.35
N LYS A 89 15.92 -3.35 -19.99
CA LYS A 89 15.40 -4.71 -20.14
C LYS A 89 15.30 -5.43 -18.80
N VAL A 90 14.74 -4.76 -17.81
CA VAL A 90 14.65 -5.32 -16.48
C VAL A 90 13.83 -6.60 -16.46
N ASP A 91 14.21 -7.51 -15.57
CA ASP A 91 13.51 -8.78 -15.43
C ASP A 91 12.19 -8.64 -14.69
N VAL A 92 12.13 -7.66 -13.78
CA VAL A 92 10.93 -7.39 -13.00
C VAL A 92 10.81 -5.88 -12.85
N LEU A 93 9.58 -5.37 -12.93
CA LEU A 93 9.29 -3.96 -12.65
C LEU A 93 8.53 -3.89 -11.34
N ILE A 94 8.84 -2.89 -10.53
CA ILE A 94 8.16 -2.68 -9.26
C ILE A 94 7.66 -1.24 -9.22
N GLY A 95 6.39 -1.04 -8.85
CA GLY A 95 5.83 0.29 -8.68
C GLY A 95 4.41 0.40 -9.16
N SER A 96 3.82 1.60 -9.08
CA SER A 96 4.37 2.72 -8.33
C SER A 96 3.85 2.63 -6.89
N SER A 97 3.86 3.77 -6.20
CA SER A 97 3.45 3.87 -4.81
C SER A 97 1.95 4.11 -4.64
N LEU A 98 1.34 4.69 -5.66
CA LEU A 98 -0.05 5.16 -5.59
C LEU A 98 -0.87 4.49 -6.68
N THR A 99 -2.17 4.39 -6.43
CA THR A 99 -3.07 3.74 -7.36
C THR A 99 -3.17 4.45 -8.72
N PRO A 100 -3.45 5.76 -8.75
CA PRO A 100 -3.57 6.42 -10.06
CA PRO A 100 -3.57 6.41 -10.07
C PRO A 100 -2.27 6.32 -10.87
N VAL A 101 -1.13 6.33 -10.18
CA VAL A 101 0.16 6.27 -10.83
C VAL A 101 0.45 4.87 -11.35
N SER A 102 -0.03 3.86 -10.64
CA SER A 102 0.21 2.46 -10.99
C SER A 102 -0.69 1.93 -12.10
N LEU A 103 -1.91 2.44 -12.20
CA LEU A 103 -2.86 1.90 -13.15
C LEU A 103 -2.34 1.77 -14.60
N PRO A 104 -1.71 2.83 -15.14
CA PRO A 104 -1.23 2.72 -16.52
C PRO A 104 -0.09 1.72 -16.68
N LEU A 105 0.57 1.34 -15.58
CA LEU A 105 1.69 0.41 -15.69
C LEU A 105 1.25 -1.02 -15.99
N ILE A 106 -0.01 -1.35 -15.67
CA ILE A 106 -0.50 -2.69 -15.93
C ILE A 106 -0.36 -3.05 -17.40
N ASP A 107 -0.89 -2.19 -18.27
CA ASP A 107 -0.84 -2.48 -19.70
C ASP A 107 0.58 -2.49 -20.22
N ILE A 108 1.40 -1.60 -19.70
CA ILE A 108 2.79 -1.49 -20.15
C ILE A 108 3.59 -2.75 -19.78
N ALA A 109 3.43 -3.22 -18.54
CA ALA A 109 4.14 -4.42 -18.11
C ALA A 109 3.64 -5.65 -18.88
N ALA A 110 2.33 -5.75 -19.06
CA ALA A 110 1.78 -6.88 -19.79
C ALA A 110 2.30 -6.91 -21.23
N GLU A 111 2.31 -5.75 -21.90
CA GLU A 111 2.79 -5.69 -23.28
C GLU A 111 4.24 -6.14 -23.36
N ALA A 112 5.02 -5.80 -22.34
CA ALA A 112 6.43 -6.14 -22.28
C ALA A 112 6.69 -7.53 -21.71
N LYS A 113 5.63 -8.26 -21.39
CA LYS A 113 5.77 -9.59 -20.83
CA LYS A 113 5.74 -9.60 -20.80
C LYS A 113 6.75 -9.59 -19.66
N THR A 114 6.54 -8.64 -18.75
CA THR A 114 7.40 -8.46 -17.59
C THR A 114 6.53 -8.37 -16.34
N PRO A 115 6.85 -9.17 -15.31
CA PRO A 115 6.05 -9.08 -14.09
C PRO A 115 6.17 -7.69 -13.46
N LEU A 116 5.05 -7.20 -12.96
CA LEU A 116 4.94 -5.92 -12.27
C LEU A 116 4.51 -6.18 -10.83
N THR A 118 3.19 -4.20 -8.04
CA THR A 118 2.73 -2.86 -7.68
C THR A 118 2.81 -2.66 -6.18
N ALA A 120 0.94 -0.21 -4.65
CA ALA A 120 -0.25 0.54 -4.31
C ALA A 120 -1.38 -0.38 -3.83
N ALA A 121 -2.52 0.21 -3.47
CA ALA A 121 -3.50 -0.50 -2.63
C ALA A 121 -4.82 -0.91 -3.28
N ALA A 122 -5.30 -0.18 -4.28
CA ALA A 122 -6.66 -0.41 -4.77
C ALA A 122 -6.86 -1.78 -5.41
N ALA A 123 -7.99 -2.41 -5.11
CA ALA A 123 -8.26 -3.76 -5.63
C ALA A 123 -8.18 -3.83 -7.15
N ILE A 124 -8.59 -2.77 -7.83
CA ILE A 124 -8.64 -2.75 -9.30
CA ILE A 124 -8.64 -2.78 -9.30
C ILE A 124 -7.27 -2.99 -9.93
N LEU A 125 -6.19 -2.80 -9.16
CA LEU A 125 -4.87 -3.05 -9.72
C LEU A 125 -4.65 -4.52 -10.12
N VAL A 126 -5.33 -5.45 -9.46
CA VAL A 126 -5.16 -6.87 -9.79
C VAL A 126 -6.45 -7.67 -9.89
N ALA A 127 -7.59 -7.07 -9.56
CA ALA A 127 -8.85 -7.81 -9.47
C ALA A 127 -9.97 -7.05 -10.17
N PRO A 128 -10.89 -7.76 -10.83
CA PRO A 128 -10.82 -9.21 -11.09
C PRO A 128 -9.67 -9.52 -12.04
N ASP A 130 -7.60 -10.61 -15.24
CA ASP A 130 -7.78 -10.58 -16.67
C ASP A 130 -6.44 -10.91 -17.33
N GLU A 131 -6.39 -10.83 -18.65
CA GLU A 131 -5.22 -11.28 -19.39
C GLU A 131 -4.00 -10.38 -19.20
N ARG A 132 -4.21 -9.17 -18.68
CA ARG A 132 -3.12 -8.22 -18.43
CA ARG A 132 -3.10 -8.25 -18.44
C ARG A 132 -2.65 -8.32 -16.99
N ARG A 133 -3.60 -8.39 -16.06
CA ARG A 133 -3.31 -8.51 -14.65
C ARG A 133 -2.64 -9.84 -14.32
N LYS A 134 -2.61 -10.78 -15.28
CA LYS A 134 -1.79 -11.98 -15.14
C LYS A 134 -0.34 -11.63 -14.86
N TRP A 135 0.09 -10.45 -15.30
CA TRP A 135 1.47 -10.02 -15.16
C TRP A 135 1.72 -9.20 -13.89
N VAL A 136 0.68 -8.97 -13.08
CA VAL A 136 0.78 -8.05 -11.96
C VAL A 136 0.57 -8.76 -10.63
N TYR A 137 1.42 -8.45 -9.64
CA TYR A 137 1.27 -8.95 -8.28
C TYR A 137 1.23 -7.77 -7.32
N LYS A 138 0.70 -8.00 -6.13
CA LYS A 138 0.36 -6.89 -5.26
C LYS A 138 0.42 -7.28 -3.79
N VAL A 139 1.46 -6.82 -3.09
CA VAL A 139 1.61 -7.20 -1.69
C VAL A 139 0.74 -6.43 -0.70
N VAL A 140 0.29 -5.22 -1.03
CA VAL A 140 -0.58 -4.51 -0.09
C VAL A 140 -1.96 -5.14 -0.18
N PRO A 141 -2.60 -5.47 0.96
CA PRO A 141 -3.93 -6.06 0.84
C PRO A 141 -4.92 -5.17 0.10
N ASN A 142 -5.74 -5.79 -0.75
CA ASN A 142 -6.76 -5.06 -1.48
C ASN A 142 -7.64 -4.24 -0.54
N ASP A 143 -7.91 -3.00 -0.95
CA ASP A 143 -8.67 -2.08 -0.12
C ASP A 143 -10.07 -2.57 0.20
N ASP A 144 -10.67 -3.40 -0.65
CA ASP A 144 -12.01 -3.88 -0.33
C ASP A 144 -12.02 -4.73 0.94
N ILE A 145 -10.95 -5.48 1.18
CA ILE A 145 -10.82 -6.26 2.41
C ILE A 145 -10.80 -5.33 3.62
N ALA A 147 -11.84 -2.15 3.72
CA ALA A 147 -13.08 -1.40 3.81
C ALA A 147 -14.17 -2.24 4.47
N GLU A 148 -14.23 -3.53 4.15
CA GLU A 148 -15.20 -4.41 4.79
CA GLU A 148 -15.19 -4.43 4.78
C GLU A 148 -14.94 -4.50 6.29
N ALA A 149 -13.67 -4.64 6.66
CA ALA A 149 -13.33 -4.78 8.08
C ALA A 149 -13.62 -3.50 8.88
N ILE A 150 -13.26 -2.36 8.34
CA ILE A 150 -13.50 -1.11 9.05
C ILE A 150 -15.02 -0.80 9.10
N GLY A 151 -15.73 -1.14 8.03
CA GLY A 151 -17.18 -0.97 8.03
C GLY A 151 -17.85 -1.76 9.15
N LYS A 152 -17.42 -3.00 9.32
CA LYS A 152 -17.95 -3.85 10.37
C LYS A 152 -17.65 -3.25 11.74
N TYR A 153 -16.45 -2.75 11.93
CA TYR A 153 -16.10 -2.13 13.20
C TYR A 153 -16.96 -0.91 13.48
N ILE A 154 -17.10 -0.04 12.49
CA ILE A 154 -17.90 1.16 12.65
C ILE A 154 -19.33 0.80 13.06
N ALA A 155 -19.91 -0.20 12.39
CA ALA A 155 -21.26 -0.63 12.74
C ALA A 155 -21.34 -1.08 14.20
N LYS A 156 -20.32 -1.80 14.65
CA LYS A 156 -20.31 -2.33 16.01
CA LYS A 156 -20.28 -2.33 16.01
C LYS A 156 -20.25 -1.24 17.07
N THR A 157 -19.74 -0.07 16.71
CA THR A 157 -19.67 1.04 17.66
C THR A 157 -21.03 1.67 17.91
N GLY A 158 -22.00 1.34 17.05
CA GLY A 158 -23.33 1.90 17.18
C GLY A 158 -23.57 3.15 16.35
N ALA A 159 -22.56 3.59 15.59
CA ALA A 159 -22.73 4.75 14.73
C ALA A 159 -23.86 4.50 13.72
N LYS A 160 -24.72 5.50 13.52
CA LYS A 160 -25.80 5.39 12.56
C LYS A 160 -25.65 6.32 11.37
N LYS A 161 -24.93 7.42 11.58
CA LYS A 161 -24.67 8.38 10.51
C LYS A 161 -23.16 8.60 10.38
N VAL A 162 -22.63 8.34 9.20
CA VAL A 162 -21.19 8.42 8.97
C VAL A 162 -20.89 9.35 7.80
N GLY A 163 -20.16 10.43 8.06
CA GLY A 163 -19.74 11.33 6.99
C GLY A 163 -18.61 10.71 6.19
N TYR A 164 -18.38 11.21 4.97
CA TYR A 164 -17.31 10.69 4.14
C TYR A 164 -16.60 11.79 3.36
N ILE A 165 -15.28 11.76 3.41
CA ILE A 165 -14.46 12.52 2.47
C ILE A 165 -13.31 11.63 2.02
N GLY A 166 -12.97 11.67 0.74
CA GLY A 166 -11.87 10.86 0.26
C GLY A 166 -11.26 11.45 -0.99
N PHE A 167 -10.14 10.89 -1.42
CA PHE A 167 -9.52 11.37 -2.64
C PHE A 167 -10.44 11.14 -3.83
N SER A 168 -10.41 12.08 -4.77
CA SER A 168 -11.13 11.97 -6.03
C SER A 168 -10.31 11.13 -7.02
N ASP A 169 -10.00 9.89 -6.65
CA ASP A 169 -9.29 8.98 -7.53
C ASP A 169 -9.68 7.56 -7.19
N ALA A 170 -9.08 6.59 -7.86
CA ALA A 170 -9.51 5.21 -7.71
C ALA A 170 -9.22 4.65 -6.32
N TYR A 171 -8.22 5.19 -5.63
CA TYR A 171 -7.97 4.77 -4.25
C TYR A 171 -9.13 5.19 -3.34
N GLY A 172 -9.45 6.48 -3.34
CA GLY A 172 -10.54 6.95 -2.51
C GLY A 172 -11.84 6.28 -2.88
N GLU A 173 -12.14 6.23 -4.16
CA GLU A 173 -13.42 5.68 -4.61
C GLU A 173 -13.58 4.20 -4.32
N GLY A 174 -12.47 3.46 -4.21
CA GLY A 174 -12.55 2.08 -3.81
C GLY A 174 -13.09 1.92 -2.40
N TYR A 175 -12.76 2.85 -1.51
CA TYR A 175 -13.34 2.87 -0.17
C TYR A 175 -14.80 3.26 -0.20
N TYR A 176 -15.10 4.35 -0.90
CA TYR A 176 -16.48 4.82 -0.92
C TYR A 176 -17.42 3.74 -1.45
N LYS A 177 -17.04 3.11 -2.56
CA LYS A 177 -17.97 2.17 -3.19
C LYS A 177 -18.26 0.97 -2.29
N VAL A 178 -17.24 0.46 -1.60
CA VAL A 178 -17.45 -0.69 -0.73
C VAL A 178 -18.24 -0.32 0.52
N LEU A 179 -17.89 0.81 1.13
CA LEU A 179 -18.65 1.28 2.29
C LEU A 179 -20.10 1.59 1.94
N ALA A 180 -20.33 2.26 0.82
CA ALA A 180 -21.68 2.58 0.40
C ALA A 180 -22.52 1.33 0.18
N ALA A 181 -21.93 0.30 -0.42
CA ALA A 181 -22.67 -0.93 -0.67
C ALA A 181 -22.97 -1.68 0.62
N ALA A 182 -22.07 -1.60 1.59
CA ALA A 182 -22.20 -2.35 2.83
C ALA A 182 -23.07 -1.64 3.86
N ALA A 183 -23.15 -0.31 3.76
CA ALA A 183 -23.83 0.50 4.78
C ALA A 183 -25.25 0.04 5.13
N PRO A 184 -26.10 -0.18 4.12
CA PRO A 184 -27.50 -0.55 4.42
C PRO A 184 -27.60 -1.78 5.32
N LYS A 185 -26.86 -2.83 4.99
CA LYS A 185 -26.91 -4.06 5.79
C LYS A 185 -26.16 -3.94 7.13
N LEU A 186 -25.18 -3.05 7.17
CA LEU A 186 -24.44 -2.81 8.40
C LEU A 186 -25.27 -2.00 9.40
N GLY A 187 -26.22 -1.22 8.88
CA GLY A 187 -27.10 -0.46 9.75
C GLY A 187 -26.72 1.00 9.95
N PHE A 188 -25.86 1.53 9.10
CA PHE A 188 -25.60 2.97 9.12
C PHE A 188 -25.77 3.57 7.74
N GLU A 189 -25.83 4.90 7.67
CA GLU A 189 -25.90 5.56 6.39
C GLU A 189 -24.70 6.47 6.20
N LEU A 190 -24.18 6.52 4.97
CA LEU A 190 -23.17 7.50 4.60
C LEU A 190 -23.88 8.81 4.27
N THR A 191 -23.56 9.86 5.02
CA THR A 191 -24.28 11.12 4.90
C THR A 191 -23.77 12.03 3.78
N THR A 192 -22.55 11.77 3.31
CA THR A 192 -21.95 12.58 2.25
C THR A 192 -21.10 11.71 1.36
N HIS A 193 -20.71 12.30 0.22
CA HIS A 193 -19.68 11.74 -0.64
C HIS A 193 -18.80 12.90 -1.09
N GLU A 194 -18.03 13.45 -0.15
CA GLU A 194 -17.15 14.57 -0.47
C GLU A 194 -15.82 14.03 -0.94
N VAL A 195 -15.17 14.77 -1.83
CA VAL A 195 -13.87 14.38 -2.36
C VAL A 195 -12.92 15.56 -2.39
N TYR A 196 -11.62 15.25 -2.45
CA TYR A 196 -10.61 16.26 -2.65
C TYR A 196 -9.44 15.66 -3.40
N ALA A 197 -8.64 16.53 -4.02
CA ALA A 197 -7.45 16.10 -4.74
C ALA A 197 -6.26 16.11 -3.80
N ARG A 198 -5.30 15.22 -4.05
CA ARG A 198 -4.24 14.97 -3.07
C ARG A 198 -3.45 16.22 -2.65
N SER A 199 -3.23 17.14 -3.59
CA SER A 199 -2.44 18.34 -3.26
C SER A 199 -3.25 19.55 -2.82
N ASP A 200 -4.56 19.41 -2.67
CA ASP A 200 -5.39 20.56 -2.34
C ASP A 200 -4.94 21.25 -1.05
N ALA A 201 -4.99 22.58 -1.04
CA ALA A 201 -4.63 23.37 0.13
C ALA A 201 -5.72 23.42 1.21
N SER A 202 -6.98 23.22 0.81
CA SER A 202 -8.11 23.38 1.70
C SER A 202 -9.17 22.34 1.38
N VAL A 203 -9.88 21.88 2.40
CA VAL A 203 -11.07 21.06 2.22
C VAL A 203 -12.21 21.64 3.06
N THR A 204 -12.22 22.96 3.21
CA THR A 204 -13.16 23.60 4.12
C THR A 204 -14.62 23.43 3.69
N GLY A 205 -14.90 23.61 2.41
CA GLY A 205 -16.26 23.44 1.93
C GLY A 205 -16.78 22.04 2.19
N GLN A 206 -15.95 21.04 1.91
CA GLN A 206 -16.32 19.65 2.12
C GLN A 206 -16.60 19.36 3.58
N VAL A 207 -15.71 19.85 4.44
CA VAL A 207 -15.84 19.61 5.87
C VAL A 207 -17.06 20.31 6.45
N LEU A 208 -17.32 21.54 6.02
CA LEU A 208 -18.54 22.21 6.46
C LEU A 208 -19.79 21.41 6.08
N LYS A 209 -19.82 20.87 4.86
CA LYS A 209 -20.94 20.05 4.42
C LYS A 209 -21.11 18.81 5.29
N ILE A 210 -19.99 18.15 5.59
CA ILE A 210 -20.03 16.98 6.45
C ILE A 210 -20.57 17.33 7.82
N ILE A 211 -20.03 18.38 8.42
CA ILE A 211 -20.46 18.80 9.75
C ILE A 211 -21.95 19.13 9.78
N ALA A 212 -22.46 19.75 8.72
CA ALA A 212 -23.87 20.11 8.65
C ALA A 212 -24.81 18.91 8.66
N THR A 213 -24.31 17.73 8.28
CA THR A 213 -25.13 16.52 8.32
C THR A 213 -25.20 15.93 9.73
N LYS A 214 -24.46 16.52 10.67
CA LYS A 214 -24.45 16.06 12.06
CA LYS A 214 -24.45 16.06 12.06
C LYS A 214 -24.26 14.55 12.18
N PRO A 215 -23.16 14.03 11.64
CA PRO A 215 -22.91 12.59 11.70
C PRO A 215 -22.36 12.17 13.06
N ASP A 216 -22.43 10.87 13.34
CA ASP A 216 -21.84 10.29 14.54
C ASP A 216 -20.32 10.13 14.39
N ALA A 217 -19.88 9.88 13.16
CA ALA A 217 -18.48 9.62 12.89
C ALA A 217 -18.21 10.09 11.47
N VAL A 218 -16.93 10.22 11.13
CA VAL A 218 -16.54 10.56 9.77
C VAL A 218 -15.46 9.60 9.30
N PHE A 219 -15.63 9.11 8.07
CA PHE A 219 -14.62 8.29 7.40
C PHE A 219 -13.83 9.14 6.42
N ILE A 220 -12.50 9.01 6.47
CA ILE A 220 -11.61 9.69 5.54
C ILE A 220 -10.84 8.64 4.75
N ALA A 221 -10.90 8.72 3.41
CA ALA A 221 -10.16 7.80 2.55
C ALA A 221 -9.04 8.58 1.86
N SER A 222 -7.85 8.50 2.44
CA SER A 222 -6.71 9.31 2.04
C SER A 222 -5.42 8.54 2.31
N ALA A 223 -4.29 9.15 1.99
CA ALA A 223 -3.00 8.49 2.18
C ALA A 223 -1.89 9.51 2.26
N GLY A 224 -0.85 9.17 3.01
CA GLY A 224 0.30 10.05 3.17
C GLY A 224 -0.04 11.29 3.97
N THR A 225 0.83 12.29 3.86
CA THR A 225 0.61 13.50 4.62
C THR A 225 -0.66 14.29 4.25
N PRO A 226 -1.17 14.17 3.00
CA PRO A 226 -2.44 14.84 2.70
C PRO A 226 -3.62 14.36 3.57
N ALA A 227 -3.50 13.20 4.22
CA ALA A 227 -4.59 12.68 5.05
C ALA A 227 -4.78 13.47 6.34
N VAL A 228 -3.78 14.25 6.74
CA VAL A 228 -3.90 15.04 7.97
C VAL A 228 -4.92 16.16 7.82
N LEU A 229 -4.90 16.84 6.67
CA LEU A 229 -5.72 18.02 6.44
C LEU A 229 -7.21 17.84 6.79
N PRO A 230 -7.89 16.84 6.21
CA PRO A 230 -9.31 16.74 6.56
C PRO A 230 -9.57 16.42 8.03
N GLN A 231 -8.68 15.67 8.67
CA GLN A 231 -8.88 15.36 10.08
C GLN A 231 -8.69 16.59 10.96
N LYS A 232 -7.63 17.34 10.72
CA LYS A 232 -7.43 18.60 11.42
C LYS A 232 -8.57 19.59 11.16
N ALA A 233 -9.04 19.66 9.93
CA ALA A 233 -10.11 20.60 9.61
C ALA A 233 -11.40 20.24 10.34
N LEU A 234 -11.71 18.96 10.41
CA LEU A 234 -12.88 18.52 11.16
C LEU A 234 -12.75 18.90 12.63
N ARG A 235 -11.59 18.64 13.23
CA ARG A 235 -11.40 18.93 14.65
C ARG A 235 -11.44 20.44 14.91
N GLU A 236 -10.81 21.21 14.04
CA GLU A 236 -10.77 22.66 14.21
CA GLU A 236 -10.76 22.66 14.21
C GLU A 236 -12.15 23.27 14.09
N ARG A 237 -13.03 22.64 13.32
CA ARG A 237 -14.38 23.16 13.12
C ARG A 237 -15.40 22.53 14.07
N GLY A 238 -14.92 21.84 15.09
CA GLY A 238 -15.76 21.44 16.20
C GLY A 238 -16.27 20.02 16.22
N PHE A 239 -15.89 19.22 15.22
CA PHE A 239 -16.36 17.85 15.22
C PHE A 239 -15.65 17.04 16.29
N LYS A 240 -16.43 16.43 17.17
CA LYS A 240 -15.87 15.71 18.31
C LYS A 240 -16.03 14.20 18.22
N GLY A 241 -16.76 13.73 17.22
CA GLY A 241 -17.01 12.31 17.07
C GLY A 241 -15.83 11.50 16.57
N ALA A 242 -16.04 10.19 16.43
CA ALA A 242 -14.98 9.31 15.97
C ALA A 242 -14.60 9.61 14.52
N ILE A 243 -13.30 9.55 14.25
CA ILE A 243 -12.81 9.67 12.88
C ILE A 243 -12.05 8.41 12.52
N TYR A 244 -12.37 7.88 11.35
CA TYR A 244 -11.75 6.66 10.82
C TYR A 244 -10.95 7.01 9.59
N GLN A 245 -9.79 6.37 9.45
CA GLN A 245 -8.94 6.58 8.28
C GLN A 245 -8.68 5.22 7.64
N THR A 246 -7.64 5.14 6.83
CA THR A 246 -7.26 3.94 6.10
C THR A 246 -5.78 3.66 6.31
N HIS A 247 -5.32 2.51 5.82
CA HIS A 247 -3.91 2.17 5.94
C HIS A 247 -2.97 3.08 5.16
N GLY A 248 -3.53 4.01 4.37
CA GLY A 248 -2.72 5.07 3.77
C GLY A 248 -2.09 5.98 4.81
N VAL A 249 -2.56 5.94 6.06
CA VAL A 249 -2.03 6.84 7.08
C VAL A 249 -1.02 6.17 8.01
N ALA A 250 -0.68 4.91 7.74
CA ALA A 250 0.05 4.07 8.69
C ALA A 250 1.55 4.38 8.79
N THR A 251 1.89 5.65 8.61
CA THR A 251 3.25 6.14 8.75
C THR A 251 3.37 7.06 9.96
N GLU A 252 4.48 6.94 10.69
CA GLU A 252 4.72 7.83 11.81
C GLU A 252 4.74 9.31 11.39
N GLU A 253 4.96 9.60 10.11
CA GLU A 253 4.89 10.98 9.63
C GLU A 253 3.49 11.57 9.81
N PHE A 254 2.48 10.73 9.66
CA PHE A 254 1.09 11.14 9.84
C PHE A 254 0.83 11.47 11.31
N ILE A 255 1.36 10.64 12.20
CA ILE A 255 1.21 10.88 13.64
C ILE A 255 1.88 12.18 14.03
N LYS A 256 3.09 12.41 13.53
CA LYS A 256 3.84 13.59 13.90
CA LYS A 256 3.86 13.59 13.89
C LYS A 256 3.18 14.87 13.40
N LEU A 257 2.76 14.86 12.14
CA LEU A 257 2.12 16.03 11.56
C LEU A 257 0.74 16.26 12.16
N GLY A 258 0.01 15.19 12.42
CA GLY A 258 -1.36 15.29 12.89
C GLY A 258 -1.49 15.64 14.36
N GLY A 259 -0.53 15.20 15.17
CA GLY A 259 -0.53 15.54 16.58
C GLY A 259 -1.80 15.12 17.30
N LYS A 260 -2.28 15.97 18.21
CA LYS A 260 -3.45 15.65 19.02
CA LYS A 260 -3.44 15.63 19.02
C LYS A 260 -4.69 15.42 18.18
N ASP A 261 -4.75 16.06 17.02
CA ASP A 261 -5.93 15.94 16.17
C ASP A 261 -6.14 14.54 15.58
N VAL A 262 -5.06 13.77 15.46
CA VAL A 262 -5.19 12.41 14.93
C VAL A 262 -5.16 11.32 16.01
N GLU A 263 -4.93 11.72 17.25
CA GLU A 263 -5.03 10.77 18.36
CA GLU A 263 -5.03 10.78 18.37
C GLU A 263 -6.39 10.11 18.33
N GLY A 264 -6.42 8.79 18.49
CA GLY A 264 -7.66 8.05 18.50
C GLY A 264 -8.15 7.61 17.14
N ALA A 265 -7.50 8.04 16.06
CA ALA A 265 -7.89 7.57 14.74
C ALA A 265 -7.79 6.05 14.67
N ILE A 266 -8.73 5.42 14.00
CA ILE A 266 -8.75 3.98 13.82
C ILE A 266 -8.83 3.68 12.34
N PHE A 267 -8.11 2.65 11.91
CA PHE A 267 -8.17 2.20 10.52
C PHE A 267 -7.93 0.69 10.45
N ALA A 268 -8.37 0.07 9.38
CA ALA A 268 -8.02 -1.32 9.12
C ALA A 268 -6.71 -1.34 8.34
N GLY A 269 -5.74 -2.09 8.84
CA GLY A 269 -4.43 -2.14 8.21
C GLY A 269 -3.72 -3.46 8.39
N GLU A 270 -2.40 -3.39 8.25
CA GLU A 270 -1.54 -4.55 8.11
C GLU A 270 -0.92 -5.02 9.41
N ALA A 271 -0.51 -6.28 9.43
CA ALA A 271 0.16 -6.86 10.58
C ALA A 271 1.32 -6.01 11.04
N PHE A 272 2.09 -5.47 10.10
CA PHE A 272 3.24 -4.62 10.43
C PHE A 272 2.88 -3.56 11.46
N SER A 273 1.71 -2.94 11.29
CA SER A 273 1.32 -1.82 12.16
C SER A 273 0.95 -2.25 13.56
N GLY A 274 0.50 -3.50 13.71
CA GLY A 274 0.13 -4.02 15.00
C GLY A 274 1.13 -4.98 15.60
N ALA A 275 2.30 -5.09 14.98
CA ALA A 275 3.22 -6.16 15.32
C ALA A 275 3.71 -6.10 16.76
N GLU A 276 3.89 -4.89 17.29
CA GLU A 276 4.40 -4.74 18.65
C GLU A 276 3.42 -5.27 19.69
N ASP A 277 2.16 -5.44 19.30
CA ASP A 277 1.14 -5.94 20.21
C ASP A 277 0.79 -7.41 19.97
N PRO A 279 2.23 -11.63 19.87
CA PRO A 279 3.16 -12.44 20.67
C PRO A 279 4.60 -12.33 20.15
N ALA A 280 5.57 -12.40 21.06
CA ALA A 280 6.97 -12.19 20.69
C ALA A 280 7.48 -13.13 19.60
N ASP A 281 6.95 -14.34 19.57
CA ASP A 281 7.37 -15.35 18.59
CA ASP A 281 7.40 -15.31 18.56
C ASP A 281 6.51 -15.36 17.32
N SER A 282 5.63 -14.37 17.17
CA SER A 282 4.77 -14.34 16.00
C SER A 282 5.57 -14.23 14.71
N PRO A 283 5.18 -14.98 13.67
CA PRO A 283 5.88 -14.84 12.38
C PRO A 283 5.88 -13.40 11.89
N PHE A 284 4.85 -12.63 12.22
CA PHE A 284 4.79 -11.25 11.74
C PHE A 284 5.87 -10.38 12.40
N ARG A 285 6.23 -10.68 13.64
CA ARG A 285 7.30 -9.92 14.26
C ARG A 285 8.66 -10.30 13.68
N LYS A 286 8.81 -11.56 13.31
CA LYS A 286 10.05 -12.04 12.72
CA LYS A 286 10.05 -12.04 12.72
C LYS A 286 10.30 -11.41 11.35
N VAL A 287 9.28 -11.39 10.51
CA VAL A 287 9.45 -10.84 9.18
C VAL A 287 9.62 -9.32 9.23
N LYS A 288 9.07 -8.68 10.26
CA LYS A 288 9.28 -7.25 10.44
C LYS A 288 10.72 -6.98 10.86
N ALA A 289 11.25 -7.79 11.77
CA ALA A 289 12.62 -7.58 12.24
C ALA A 289 13.62 -7.71 11.10
N ARG A 290 13.40 -8.66 10.18
CA ARG A 290 14.31 -8.82 9.05
CA ARG A 290 14.30 -8.82 9.04
C ARG A 290 14.37 -7.55 8.22
N PHE A 291 13.21 -6.95 7.96
CA PHE A 291 13.15 -5.70 7.21
C PHE A 291 13.78 -4.55 7.99
N VAL A 292 13.37 -4.38 9.24
CA VAL A 292 13.84 -3.27 10.05
C VAL A 292 15.37 -3.32 10.21
N ASP A 293 15.89 -4.50 10.49
CA ASP A 293 17.33 -4.64 10.68
C ASP A 293 18.08 -4.27 9.41
N ALA A 294 17.61 -4.76 8.28
CA ALA A 294 18.27 -4.47 7.01
C ALA A 294 18.17 -2.98 6.67
N TYR A 295 16.98 -2.41 6.89
CA TYR A 295 16.77 -1.00 6.60
C TYR A 295 17.67 -0.12 7.47
N LYS A 296 17.70 -0.40 8.76
CA LYS A 296 18.54 0.37 9.67
C LYS A 296 20.01 0.29 9.27
N ALA A 297 20.46 -0.90 8.87
CA ALA A 297 21.86 -1.08 8.50
C ALA A 297 22.21 -0.26 7.26
N ALA A 298 21.22 -0.02 6.41
CA ALA A 298 21.45 0.72 5.17
C ALA A 298 21.18 2.22 5.31
N ASN A 299 20.55 2.61 6.41
CA ASN A 299 20.09 3.98 6.56
C ASN A 299 20.53 4.64 7.88
N GLY A 300 21.73 4.30 8.33
CA GLY A 300 22.33 4.96 9.48
C GLY A 300 21.57 4.78 10.77
N GLY A 301 20.84 3.67 10.86
CA GLY A 301 20.12 3.34 12.08
C GLY A 301 18.70 3.89 12.16
N ALA A 302 18.30 4.64 11.14
CA ALA A 302 16.95 5.22 11.11
C ALA A 302 15.90 4.13 10.95
N ALA A 303 14.82 4.24 11.72
CA ALA A 303 13.72 3.29 11.59
C ALA A 303 12.90 3.56 10.34
N PRO A 304 12.46 2.49 9.67
CA PRO A 304 11.61 2.67 8.49
C PRO A 304 10.16 2.91 8.87
N THR A 305 9.40 3.44 7.92
CA THR A 305 7.95 3.41 8.03
C THR A 305 7.41 2.30 7.13
N ILE A 306 6.13 2.00 7.30
CA ILE A 306 5.54 0.84 6.66
C ILE A 306 5.69 0.86 5.13
N PHE A 307 5.68 2.04 4.52
CA PHE A 307 5.66 2.08 3.07
C PHE A 307 6.89 1.45 2.43
N GLY A 308 8.02 1.49 3.12
CA GLY A 308 9.20 0.80 2.62
C GLY A 308 9.01 -0.70 2.56
N VAL A 309 8.18 -1.23 3.45
CA VAL A 309 7.96 -2.67 3.51
C VAL A 309 7.18 -3.16 2.29
N HIS A 310 6.49 -2.27 1.59
CA HIS A 310 5.80 -2.68 0.37
C HIS A 310 6.81 -3.02 -0.71
N LEU A 311 7.95 -2.35 -0.71
CA LEU A 311 9.05 -2.73 -1.60
C LEU A 311 9.70 -4.02 -1.09
N TRP A 312 9.98 -4.05 0.21
CA TRP A 312 10.62 -5.23 0.81
C TRP A 312 9.84 -6.52 0.54
N ASP A 313 8.54 -6.52 0.86
CA ASP A 313 7.72 -7.71 0.70
C ASP A 313 7.62 -8.09 -0.79
N SER A 314 7.56 -7.10 -1.68
CA SER A 314 7.56 -7.41 -3.10
C SER A 314 8.81 -8.19 -3.47
N THR A 316 10.58 -9.99 -1.43
CA THR A 316 10.53 -11.33 -0.85
C THR A 316 9.92 -12.31 -1.86
N LEU A 317 8.82 -11.91 -2.49
CA LEU A 317 8.20 -12.76 -3.50
C LEU A 317 9.13 -12.99 -4.68
N VAL A 318 9.77 -11.93 -5.16
CA VAL A 318 10.66 -12.07 -6.31
C VAL A 318 11.85 -12.96 -5.97
N GLU A 319 12.47 -12.70 -4.82
CA GLU A 319 13.61 -13.50 -4.38
C GLU A 319 13.24 -14.97 -4.26
N ASN A 320 12.04 -15.25 -3.76
CA ASN A 320 11.61 -16.63 -3.60
C ASN A 320 11.40 -17.32 -4.94
N ALA A 321 11.08 -16.56 -5.97
CA ALA A 321 10.78 -17.12 -7.29
C ALA A 321 12.02 -17.30 -8.16
N ILE A 322 13.07 -16.53 -7.90
CA ILE A 322 14.23 -16.51 -8.77
C ILE A 322 14.97 -17.84 -8.93
N PRO A 323 15.21 -18.58 -7.84
CA PRO A 323 15.95 -19.83 -8.04
C PRO A 323 15.25 -20.78 -9.01
N ALA A 324 13.94 -20.94 -8.92
CA ALA A 324 13.23 -21.78 -9.87
C ALA A 324 13.33 -21.21 -11.29
N ALA A 325 13.21 -19.88 -11.42
CA ALA A 325 13.29 -19.27 -12.73
C ALA A 325 14.65 -19.47 -13.39
N LEU A 326 15.72 -19.47 -12.58
CA LEU A 326 17.07 -19.68 -13.08
C LEU A 326 17.27 -21.09 -13.63
N LYS A 327 16.41 -22.04 -13.24
CA LYS A 327 16.51 -23.39 -13.79
C LYS A 327 15.92 -23.45 -15.19
N ALA A 328 15.11 -22.44 -15.52
CA ALA A 328 14.39 -22.41 -16.80
C ALA A 328 15.08 -21.61 -17.88
N ALA A 329 15.77 -20.54 -17.49
CA ALA A 329 16.28 -19.58 -18.46
C ALA A 329 17.26 -18.62 -17.81
N LYS A 330 17.99 -17.88 -18.63
CA LYS A 330 18.96 -16.90 -18.13
CA LYS A 330 18.96 -16.91 -18.13
C LYS A 330 18.31 -15.54 -17.92
N PRO A 331 18.82 -14.78 -16.94
CA PRO A 331 18.33 -13.41 -16.76
C PRO A 331 18.45 -12.63 -18.05
N GLY A 332 17.52 -11.69 -18.25
CA GLY A 332 17.55 -10.83 -19.42
C GLY A 332 16.78 -11.37 -20.61
N THR A 333 16.09 -12.49 -20.43
CA THR A 333 15.32 -13.12 -21.51
C THR A 333 13.84 -13.12 -21.15
N PRO A 334 12.97 -13.13 -22.18
CA PRO A 334 11.54 -13.22 -21.88
C PRO A 334 11.21 -14.52 -21.13
N GLU A 335 11.92 -15.59 -21.42
CA GLU A 335 11.65 -16.86 -20.75
C GLU A 335 11.90 -16.79 -19.24
N PHE A 336 12.92 -16.05 -18.84
CA PHE A 336 13.20 -15.86 -17.41
C PHE A 336 12.10 -15.04 -16.75
N ARG A 337 11.69 -13.96 -17.41
CA ARG A 337 10.60 -13.14 -16.89
C ARG A 337 9.31 -13.94 -16.77
N ALA A 338 9.02 -14.77 -17.77
CA ALA A 338 7.81 -15.59 -17.76
C ALA A 338 7.88 -16.60 -16.63
N ALA A 339 9.07 -17.15 -16.37
CA ALA A 339 9.23 -18.12 -15.29
C ALA A 339 9.00 -17.45 -13.94
N ILE A 340 9.49 -16.21 -13.77
CA ILE A 340 9.18 -15.49 -12.54
C ILE A 340 7.67 -15.31 -12.38
N ARG A 341 7.02 -14.87 -13.45
CA ARG A 341 5.57 -14.68 -13.41
C ARG A 341 4.86 -15.98 -13.00
N ASP A 342 5.27 -17.09 -13.62
CA ASP A 342 4.69 -18.40 -13.31
C ASP A 342 4.90 -18.80 -11.86
N GLN A 343 6.11 -18.53 -11.35
CA GLN A 343 6.46 -18.99 -10.02
C GLN A 343 5.79 -18.19 -8.90
N ILE A 344 5.67 -16.87 -9.05
CA ILE A 344 5.07 -16.08 -7.98
C ILE A 344 3.61 -16.51 -7.76
N GLU A 345 2.95 -16.87 -8.85
CA GLU A 345 1.57 -17.33 -8.84
C GLU A 345 1.36 -18.57 -7.99
N LYS A 346 2.44 -19.28 -7.70
CA LYS A 346 2.40 -20.52 -6.93
C LYS A 346 2.74 -20.33 -5.46
N SER A 347 3.07 -19.10 -5.06
CA SER A 347 3.47 -18.81 -3.69
C SER A 347 2.34 -19.09 -2.71
N LYS A 348 2.63 -19.84 -1.65
CA LYS A 348 1.61 -20.27 -0.69
C LYS A 348 2.08 -20.12 0.76
N ASP A 349 1.12 -19.87 1.64
CA ASP A 349 1.36 -19.91 3.08
CA ASP A 349 1.34 -19.87 3.08
C ASP A 349 2.55 -19.03 3.49
N LEU A 350 2.64 -17.83 2.93
CA LEU A 350 3.80 -16.99 3.19
C LEU A 350 3.45 -15.82 4.09
N ALA A 351 4.06 -15.76 5.25
CA ALA A 351 3.87 -14.62 6.13
C ALA A 351 4.71 -13.45 5.63
N LEU A 352 4.03 -12.41 5.15
CA LEU A 352 4.66 -11.16 4.76
C LEU A 352 4.34 -10.11 5.82
N ASN A 353 5.02 -8.99 5.79
CA ASN A 353 4.65 -7.88 6.66
C ASN A 353 3.25 -7.39 6.40
N ASN A 354 2.78 -7.58 5.17
CA ASN A 354 1.46 -7.19 4.75
C ASN A 354 0.37 -8.18 5.12
N GLY A 355 0.73 -9.37 5.57
CA GLY A 355 -0.26 -10.39 5.93
C GLY A 355 0.15 -11.76 5.46
N LEU A 356 -0.76 -12.72 5.66
CA LEU A 356 -0.54 -14.09 5.21
CA LEU A 356 -0.55 -14.10 5.22
C LEU A 356 -1.00 -14.24 3.77
N SER A 357 -0.04 -14.49 2.89
CA SER A 357 -0.25 -14.44 1.45
C SER A 357 -0.35 -15.81 0.81
N ASN A 358 -1.40 -16.01 0.03
CA ASN A 358 -1.62 -17.22 -0.75
C ASN A 358 -2.00 -16.83 -2.16
N THR A 360 -2.90 -17.31 -6.17
CA THR A 360 -3.51 -18.30 -7.06
C THR A 360 -3.55 -17.68 -8.46
N PRO A 361 -3.90 -18.47 -9.47
CA PRO A 361 -3.98 -17.86 -10.81
C PRO A 361 -4.99 -16.70 -10.89
N ASP A 362 -6.02 -16.72 -10.07
CA ASP A 362 -7.02 -15.66 -10.11
C ASP A 362 -6.84 -14.58 -9.07
N ASN A 363 -6.05 -14.87 -8.03
CA ASN A 363 -5.81 -13.93 -6.95
C ASN A 363 -4.32 -13.59 -6.85
N HIS A 364 -3.95 -12.45 -7.43
CA HIS A 364 -2.57 -12.00 -7.42
C HIS A 364 -2.30 -11.00 -6.29
N ASN A 365 -3.22 -10.94 -5.34
CA ASN A 365 -3.06 -10.17 -4.09
C ASN A 365 -2.68 -11.14 -2.96
N GLY A 366 -3.58 -12.08 -2.67
CA GLY A 366 -3.22 -13.21 -1.84
C GLY A 366 -3.80 -13.23 -0.42
N TYR A 367 -4.69 -12.29 -0.10
CA TYR A 367 -5.14 -12.12 1.28
C TYR A 367 -6.64 -12.29 1.42
N ASP A 368 -7.07 -12.56 2.65
CA ASP A 368 -8.48 -12.54 3.00
C ASP A 368 -8.65 -11.72 4.27
N GLU A 369 -9.80 -11.86 4.92
CA GLU A 369 -10.11 -11.04 6.08
C GLU A 369 -9.15 -11.25 7.24
N ARG A 370 -8.40 -12.34 7.23
CA ARG A 370 -7.43 -12.58 8.30
C ARG A 370 -6.29 -11.58 8.27
N SER A 371 -6.14 -10.87 7.17
CA SER A 371 -5.10 -9.87 6.96
CA SER A 371 -5.04 -9.92 7.14
C SER A 371 -5.47 -8.49 7.50
N ALA A 372 -6.73 -8.30 7.86
CA ALA A 372 -7.19 -6.99 8.31
C ALA A 372 -7.05 -6.88 9.82
N PHE A 373 -6.18 -5.99 10.26
CA PHE A 373 -5.99 -5.71 11.68
C PHE A 373 -6.48 -4.30 11.99
N LEU A 374 -7.30 -4.15 13.02
CA LEU A 374 -7.75 -2.83 13.43
C LEU A 374 -6.66 -2.14 14.22
N ILE A 375 -6.25 -0.98 13.72
CA ILE A 375 -5.16 -0.20 14.28
C ILE A 375 -5.72 1.10 14.86
N GLU A 376 -5.20 1.50 16.00
CA GLU A 376 -5.58 2.76 16.63
C GLU A 376 -4.33 3.57 16.91
N ILE A 377 -4.41 4.89 16.73
CA ILE A 377 -3.33 5.77 17.19
C ILE A 377 -3.58 6.07 18.67
N ARG A 378 -2.72 5.54 19.52
CA ARG A 378 -2.83 5.73 20.97
CA ARG A 378 -2.83 5.73 20.96
C ARG A 378 -1.51 6.26 21.50
N ASP A 379 -1.56 7.40 22.18
CA ASP A 379 -0.37 8.02 22.74
C ASP A 379 0.74 8.13 21.69
N GLY A 380 0.36 8.53 20.48
CA GLY A 380 1.33 8.83 19.45
C GLY A 380 2.01 7.62 18.84
N ALA A 381 1.38 6.45 18.91
CA ALA A 381 1.90 5.25 18.28
C ALA A 381 0.77 4.41 17.70
N PHE A 382 1.08 3.66 16.65
CA PHE A 382 0.14 2.69 16.10
C PHE A 382 0.06 1.46 17.01
N ARG A 383 -1.16 1.11 17.40
CA ARG A 383 -1.39 -0.01 18.32
C ARG A 383 -2.53 -0.87 17.78
N LEU A 384 -2.53 -2.15 18.12
CA LEU A 384 -3.72 -2.95 17.86
C LEU A 384 -4.88 -2.39 18.68
N LYS A 385 -6.01 -2.15 18.04
CA LYS A 385 -7.20 -1.69 18.76
C LYS A 385 -7.71 -2.80 19.65
#